data_5W7M
#
_entry.id   5W7M
#
_cell.length_a   49.062
_cell.length_b   100.838
_cell.length_c   130.086
_cell.angle_alpha   90.000
_cell.angle_beta   90.000
_cell.angle_gamma   90.000
#
_symmetry.space_group_name_H-M   'C 2 2 21'
#
loop_
_entity.id
_entity.type
_entity.pdbx_description
1 polymer 'Glandicoline B O-methyltransferase roqN'
2 non-polymer S-ADENOSYL-L-HOMOCYSTEINE
3 water water
#
_entity_poly.entity_id   1
_entity_poly.type   'polypeptide(L)'
_entity_poly.pdbx_seq_one_letter_code
;MGSSHHHHHHHHGASENLYFQGASMTRATNFTELYAGKGILDTYMVAEKITRYYTQDLIQLSGLSESSLTPLVILDLACG
TGVVSDALHDMLNFQPKGNWELTCGDISTELTGHVKQKILERGWENSIAKVVDAQNTELPTGHYTHVFAALAFTSFPDTY
AAMKEVMRILQPGGTLTISTWQRTEWLAVVEAAVAIIPADLPFPTTKEFMSCMNPGWDSEDYVHSRFEEAGFHSVQVTTI
SKQFETSVEDLYKIAQPVIPIIVSKWWNQEQRDKYENDILPALQRHLNETYGENGLVPQEWTAVFATGQKGS
;
_entity_poly.pdbx_strand_id   A
#
# COMPACT_ATOMS: atom_id res chain seq x y z
N ILE A 40 -3.12 -4.23 15.18
CA ILE A 40 -2.54 -3.83 13.91
C ILE A 40 -2.40 -5.03 12.98
N LEU A 41 -1.78 -6.10 13.49
CA LEU A 41 -1.38 -7.20 12.63
C LEU A 41 -2.59 -7.94 12.06
N ASP A 42 -3.64 -8.13 12.86
CA ASP A 42 -4.81 -8.85 12.36
C ASP A 42 -5.44 -8.13 11.17
N THR A 43 -5.57 -6.81 11.25
CA THR A 43 -6.08 -6.05 10.10
C THR A 43 -5.19 -6.24 8.88
N TYR A 44 -3.88 -6.26 9.07
CA TYR A 44 -2.98 -6.37 7.92
C TYR A 44 -2.99 -7.77 7.31
N MET A 45 -3.35 -8.81 8.08
CA MET A 45 -3.47 -10.12 7.49
C MET A 45 -4.70 -10.20 6.58
N VAL A 46 -5.74 -9.41 6.85
CA VAL A 46 -6.86 -9.30 5.93
C VAL A 46 -6.45 -8.52 4.68
N ALA A 47 -5.76 -7.41 4.88
CA ALA A 47 -5.41 -6.53 3.76
C ALA A 47 -4.44 -7.19 2.81
N GLU A 48 -3.53 -8.03 3.31
CA GLU A 48 -2.52 -8.59 2.40
C GLU A 48 -3.14 -9.56 1.41
N LYS A 49 -4.30 -10.13 1.71
CA LYS A 49 -4.96 -10.97 0.71
C LYS A 49 -5.27 -10.19 -0.56
N ILE A 50 -5.47 -8.88 -0.43
CA ILE A 50 -5.75 -8.02 -1.56
C ILE A 50 -4.48 -7.42 -2.15
N THR A 51 -3.57 -6.89 -1.32
CA THR A 51 -2.42 -6.18 -1.89
C THR A 51 -1.49 -7.13 -2.64
N ARG A 52 -1.52 -8.41 -2.31
CA ARG A 52 -0.71 -9.34 -3.02
C ARG A 52 -1.08 -9.43 -4.50
N TYR A 53 -2.30 -9.07 -4.83
CA TYR A 53 -2.72 -9.08 -6.23
C TYR A 53 -2.02 -8.01 -7.07
N TYR A 54 -1.31 -7.08 -6.45
CA TYR A 54 -0.71 -5.96 -7.16
C TYR A 54 0.80 -5.99 -7.18
N THR A 55 1.42 -7.09 -6.72
CA THR A 55 2.87 -7.11 -6.64
C THR A 55 3.53 -7.51 -7.96
N GLN A 56 2.92 -8.43 -8.72
CA GLN A 56 3.59 -8.89 -9.95
CA GLN A 56 3.53 -8.90 -9.98
C GLN A 56 3.69 -7.76 -10.98
N ASP A 57 2.68 -6.89 -11.06
CA ASP A 57 2.77 -5.75 -11.97
C ASP A 57 3.81 -4.74 -11.53
N LEU A 58 3.97 -4.57 -10.21
CA LEU A 58 5.00 -3.68 -9.68
C LEU A 58 6.38 -4.15 -10.11
N ILE A 59 6.63 -5.45 -9.94
CA ILE A 59 7.95 -5.97 -10.27
C ILE A 59 8.19 -5.95 -11.77
N GLN A 60 7.16 -6.25 -12.55
CA GLN A 60 7.29 -6.17 -14.00
C GLN A 60 7.63 -4.77 -14.47
N LEU A 61 6.91 -3.77 -13.96
CA LEU A 61 7.15 -2.39 -14.37
C LEU A 61 8.56 -1.94 -14.04
N SER A 62 9.15 -2.45 -12.95
CA SER A 62 10.48 -2.04 -12.53
C SER A 62 11.57 -2.43 -13.52
N GLY A 63 11.32 -3.42 -14.38
CA GLY A 63 12.34 -3.96 -15.25
C GLY A 63 13.34 -4.86 -14.56
N LEU A 64 13.05 -5.27 -13.31
CA LEU A 64 14.02 -5.98 -12.49
C LEU A 64 14.58 -7.21 -13.19
N SER A 65 13.72 -7.97 -13.86
CA SER A 65 14.17 -9.19 -14.52
C SER A 65 15.23 -8.92 -15.58
N GLU A 66 15.17 -7.77 -16.26
CA GLU A 66 16.13 -7.41 -17.29
C GLU A 66 17.29 -6.58 -16.78
N SER A 67 17.35 -6.28 -15.47
CA SER A 67 18.34 -5.34 -14.99
C SER A 67 19.75 -5.87 -15.19
N SER A 68 20.66 -4.99 -15.61
CA SER A 68 22.05 -5.35 -15.73
C SER A 68 22.83 -5.09 -14.44
N LEU A 69 22.26 -4.33 -13.50
CA LEU A 69 22.94 -4.06 -12.25
C LEU A 69 23.08 -5.35 -11.44
N THR A 70 24.28 -5.61 -10.94
CA THR A 70 24.55 -6.87 -10.28
C THR A 70 25.66 -6.65 -9.27
N PRO A 71 25.56 -7.26 -8.08
CA PRO A 71 24.42 -8.05 -7.63
C PRO A 71 23.20 -7.17 -7.35
N LEU A 72 22.00 -7.74 -7.35
CA LEU A 72 20.82 -6.97 -7.00
C LEU A 72 20.81 -6.70 -5.50
N VAL A 73 20.44 -5.47 -5.12
CA VAL A 73 20.38 -5.06 -3.72
C VAL A 73 19.05 -4.32 -3.59
N ILE A 74 18.06 -4.95 -2.97
CA ILE A 74 16.66 -4.53 -3.11
C ILE A 74 16.11 -4.12 -1.75
N LEU A 75 15.32 -3.03 -1.74
CA LEU A 75 14.58 -2.60 -0.55
C LEU A 75 13.08 -2.74 -0.81
N ASP A 76 12.39 -3.43 0.11
CA ASP A 76 10.92 -3.48 0.17
C ASP A 76 10.57 -2.45 1.25
N LEU A 77 10.22 -1.23 0.81
CA LEU A 77 10.06 -0.09 1.71
C LEU A 77 8.58 0.03 2.07
N ALA A 78 8.32 0.28 3.35
CA ALA A 78 6.96 0.21 3.90
C ALA A 78 6.34 -1.13 3.52
N CYS A 79 7.05 -2.20 3.90
CA CYS A 79 6.79 -3.53 3.37
C CYS A 79 5.52 -4.16 3.95
N GLY A 80 4.98 -3.64 5.06
CA GLY A 80 3.81 -4.25 5.65
C GLY A 80 4.14 -5.66 6.08
N THR A 81 3.28 -6.61 5.70
CA THR A 81 3.53 -8.02 5.93
C THR A 81 4.52 -8.61 4.94
N GLY A 82 4.98 -7.81 3.98
CA GLY A 82 6.01 -8.25 3.07
C GLY A 82 5.55 -8.88 1.77
N VAL A 83 4.41 -8.47 1.21
CA VAL A 83 3.94 -9.10 -0.03
C VAL A 83 4.88 -8.87 -1.21
N VAL A 84 5.56 -7.73 -1.28
CA VAL A 84 6.52 -7.54 -2.37
C VAL A 84 7.67 -8.51 -2.19
N SER A 85 8.10 -8.67 -0.94
CA SER A 85 9.20 -9.59 -0.65
C SER A 85 8.83 -11.02 -0.99
N ASP A 86 7.58 -11.42 -0.69
CA ASP A 86 7.09 -12.73 -1.11
C ASP A 86 7.29 -12.93 -2.61
N ALA A 87 6.87 -11.94 -3.41
CA ALA A 87 6.94 -12.08 -4.85
C ALA A 87 8.38 -12.04 -5.36
N LEU A 88 9.25 -11.30 -4.69
CA LEU A 88 10.64 -11.23 -5.14
C LEU A 88 11.32 -12.58 -4.94
N HIS A 89 11.06 -13.23 -3.82
CA HIS A 89 11.66 -14.54 -3.56
C HIS A 89 11.10 -15.62 -4.48
N ASP A 90 9.89 -15.43 -5.01
CA ASP A 90 9.39 -16.34 -6.04
C ASP A 90 10.10 -16.11 -7.37
N MET A 91 10.21 -14.89 -7.80
CA MET A 91 10.88 -14.57 -9.05
C MET A 91 12.38 -14.90 -9.09
N LEU A 92 13.04 -14.63 -8.01
CA LEU A 92 14.46 -14.79 -7.88
C LEU A 92 14.86 -16.14 -7.26
N ASN A 93 13.97 -17.12 -7.35
CA ASN A 93 14.15 -18.48 -6.87
C ASN A 93 14.85 -19.41 -7.89
N PHE A 94 15.33 -18.83 -8.95
CA PHE A 94 16.16 -19.57 -9.86
C PHE A 94 17.62 -19.27 -9.46
N GLN A 95 17.88 -18.45 -8.45
CA GLN A 95 19.24 -18.10 -8.06
C GLN A 95 19.57 -18.26 -6.58
N PRO A 96 20.85 -18.43 -6.29
CA PRO A 96 21.35 -18.58 -4.93
C PRO A 96 21.08 -17.32 -4.10
N LYS A 97 20.91 -17.54 -2.81
CA LYS A 97 20.65 -16.47 -1.85
C LYS A 97 21.76 -15.46 -1.78
N GLY A 98 22.99 -15.88 -1.92
CA GLY A 98 24.07 -14.93 -1.91
C GLY A 98 24.18 -14.00 -3.09
N ASN A 99 23.49 -14.23 -4.19
CA ASN A 99 23.61 -13.45 -5.41
C ASN A 99 22.75 -12.20 -5.42
N TRP A 100 21.87 -12.04 -4.43
CA TRP A 100 21.09 -10.82 -4.30
C TRP A 100 20.77 -10.63 -2.82
N GLU A 101 20.43 -9.40 -2.45
CA GLU A 101 20.16 -9.09 -1.07
CA GLU A 101 20.24 -8.96 -1.07
C GLU A 101 18.86 -8.31 -0.95
N LEU A 102 18.17 -8.52 0.16
CA LEU A 102 16.86 -7.91 0.41
C LEU A 102 16.79 -7.27 1.78
N THR A 103 16.34 -6.01 1.84
CA THR A 103 15.97 -5.37 3.08
C THR A 103 14.46 -5.18 3.08
N CYS A 104 13.80 -5.54 4.18
CA CYS A 104 12.36 -5.35 4.35
C CYS A 104 12.16 -4.32 5.46
N GLY A 105 11.70 -3.13 5.13
CA GLY A 105 11.61 -2.05 6.10
C GLY A 105 10.21 -1.52 6.27
N ASP A 106 9.82 -1.27 7.51
CA ASP A 106 8.50 -0.71 7.80
C ASP A 106 8.59 0.09 9.09
N ILE A 107 7.69 1.06 9.24
CA ILE A 107 7.75 1.88 10.45
C ILE A 107 7.20 1.12 11.64
N SER A 108 6.40 0.07 11.40
CA SER A 108 5.70 -0.63 12.48
C SER A 108 6.60 -1.73 13.04
N THR A 109 6.82 -1.70 14.36
CA THR A 109 7.59 -2.77 14.98
C THR A 109 6.85 -4.09 14.89
N GLU A 110 5.53 -4.06 14.99
CA GLU A 110 4.73 -5.30 14.92
C GLU A 110 4.78 -5.92 13.53
N LEU A 111 4.65 -5.12 12.48
CA LEU A 111 4.74 -5.68 11.14
C LEU A 111 6.17 -6.13 10.83
N THR A 112 7.17 -5.39 11.30
CA THR A 112 8.55 -5.82 11.10
C THR A 112 8.80 -7.15 11.79
N GLY A 113 8.25 -7.33 12.99
CA GLY A 113 8.44 -8.60 13.69
C GLY A 113 7.82 -9.77 12.95
N HIS A 114 6.69 -9.52 12.29
CA HIS A 114 6.07 -10.57 11.47
C HIS A 114 6.98 -10.95 10.32
N VAL A 115 7.56 -9.98 9.61
CA VAL A 115 8.48 -10.31 8.52
C VAL A 115 9.76 -10.96 9.06
N LYS A 116 10.25 -10.50 10.22
CA LYS A 116 11.43 -11.14 10.82
C LYS A 116 11.19 -12.63 11.02
N GLN A 117 10.00 -12.99 11.48
CA GLN A 117 9.68 -14.39 11.71
C GLN A 117 9.52 -15.13 10.39
N LYS A 118 8.91 -14.49 9.38
CA LYS A 118 8.81 -15.14 8.08
C LYS A 118 10.18 -15.41 7.46
N ILE A 119 11.14 -14.51 7.68
CA ILE A 119 12.49 -14.72 7.14
C ILE A 119 13.09 -15.99 7.74
N LEU A 120 12.95 -16.15 9.06
CA LEU A 120 13.52 -17.33 9.71
C LEU A 120 12.78 -18.60 9.28
N GLU A 121 11.45 -18.55 9.28
CA GLU A 121 10.65 -19.71 8.88
C GLU A 121 11.00 -20.19 7.48
N ARG A 122 11.05 -19.28 6.51
CA ARG A 122 11.22 -19.71 5.13
C ARG A 122 12.67 -19.80 4.67
N GLY A 123 13.63 -19.48 5.53
CA GLY A 123 15.03 -19.59 5.14
C GLY A 123 15.54 -18.53 4.19
N TRP A 124 14.99 -17.32 4.27
CA TRP A 124 15.44 -16.19 3.44
C TRP A 124 16.76 -15.64 4.00
N GLU A 125 17.84 -16.39 3.77
CA GLU A 125 19.13 -16.07 4.40
C GLU A 125 19.74 -14.76 3.90
N ASN A 126 19.31 -14.27 2.75
CA ASN A 126 19.83 -13.03 2.18
C ASN A 126 18.99 -11.81 2.57
N SER A 127 18.11 -11.93 3.56
CA SER A 127 17.07 -10.94 3.82
C SER A 127 17.10 -10.51 5.28
N ILE A 128 16.91 -9.21 5.50
CA ILE A 128 16.83 -8.62 6.83
C ILE A 128 15.58 -7.75 6.89
N ALA A 129 14.78 -7.94 7.93
CA ALA A 129 13.63 -7.09 8.22
C ALA A 129 13.98 -6.19 9.39
N LYS A 130 13.73 -4.89 9.25
CA LYS A 130 14.01 -3.97 10.35
C LYS A 130 13.09 -2.77 10.27
N VAL A 131 12.98 -2.06 11.39
CA VAL A 131 12.18 -0.85 11.44
C VAL A 131 12.85 0.24 10.61
N VAL A 132 12.12 0.77 9.63
CA VAL A 132 12.65 1.81 8.74
C VAL A 132 11.56 2.86 8.57
N ASP A 133 11.89 4.12 8.85
CA ASP A 133 11.03 5.26 8.54
C ASP A 133 11.41 5.78 7.15
N ALA A 134 10.45 5.76 6.22
CA ALA A 134 10.74 6.15 4.84
C ALA A 134 11.27 7.59 4.76
N GLN A 135 10.89 8.44 5.71
CA GLN A 135 11.32 9.83 5.74
C GLN A 135 12.70 10.02 6.34
N ASN A 136 13.27 8.96 6.94
CA ASN A 136 14.55 9.04 7.63
C ASN A 136 15.06 7.61 7.80
N THR A 137 15.57 7.01 6.72
CA THR A 137 15.72 5.56 6.67
C THR A 137 16.91 5.04 7.46
N GLU A 138 17.94 5.86 7.68
CA GLU A 138 19.21 5.41 8.27
C GLU A 138 19.89 4.30 7.47
N LEU A 139 19.51 4.14 6.21
CA LEU A 139 20.12 3.17 5.31
C LEU A 139 21.25 3.83 4.53
N PRO A 140 22.18 3.04 4.00
CA PRO A 140 23.41 3.64 3.41
C PRO A 140 23.16 4.33 2.09
N THR A 141 23.89 5.41 1.88
CA THR A 141 23.87 6.13 0.61
C THR A 141 24.37 5.25 -0.52
N GLY A 142 23.69 5.30 -1.67
CA GLY A 142 24.18 4.67 -2.88
C GLY A 142 24.30 3.16 -2.79
N HIS A 143 23.35 2.53 -2.09
CA HIS A 143 23.40 1.12 -1.71
C HIS A 143 22.53 0.22 -2.58
N TYR A 144 21.30 0.65 -2.90
CA TYR A 144 20.29 -0.21 -3.50
C TYR A 144 20.25 -0.10 -5.02
N THR A 145 20.09 -1.25 -5.68
CA THR A 145 19.79 -1.23 -7.12
C THR A 145 18.32 -0.93 -7.37
N HIS A 146 17.43 -1.37 -6.47
CA HIS A 146 16.00 -1.23 -6.64
C HIS A 146 15.36 -0.93 -5.31
N VAL A 147 14.46 0.05 -5.31
CA VAL A 147 13.58 0.28 -4.16
C VAL A 147 12.16 0.07 -4.64
N PHE A 148 11.38 -0.69 -3.88
CA PHE A 148 9.95 -0.86 -4.12
C PHE A 148 9.17 -0.28 -2.95
N ALA A 149 8.10 0.47 -3.25
CA ALA A 149 7.19 0.94 -2.21
C ALA A 149 5.77 0.72 -2.71
N ALA A 150 5.17 -0.40 -2.30
CA ALA A 150 3.83 -0.77 -2.75
C ALA A 150 2.78 -0.21 -1.80
N LEU A 151 1.83 0.56 -2.37
CA LEU A 151 0.66 1.08 -1.66
C LEU A 151 1.04 1.75 -0.33
N ALA A 152 2.06 2.61 -0.40
CA ALA A 152 2.52 3.21 0.84
C ALA A 152 2.78 4.71 0.80
N PHE A 153 3.06 5.28 -0.38
CA PHE A 153 3.55 6.66 -0.37
C PHE A 153 2.52 7.63 0.19
N THR A 154 1.23 7.39 -0.01
CA THR A 154 0.25 8.33 0.54
C THR A 154 0.18 8.28 2.07
N SER A 155 0.75 7.26 2.70
CA SER A 155 0.77 7.19 4.16
C SER A 155 1.89 8.00 4.78
N PHE A 156 2.83 8.52 3.99
CA PHE A 156 3.97 9.24 4.55
C PHE A 156 3.61 10.70 4.77
N PRO A 157 3.70 11.21 6.01
CA PRO A 157 3.36 12.62 6.24
C PRO A 157 4.17 13.60 5.41
N ASP A 158 5.44 13.30 5.14
CA ASP A 158 6.27 14.14 4.29
C ASP A 158 6.77 13.28 3.13
N THR A 159 6.02 13.26 2.02
CA THR A 159 6.44 12.45 0.89
C THR A 159 7.70 13.01 0.24
N TYR A 160 7.94 14.32 0.36
CA TYR A 160 9.17 14.90 -0.20
C TYR A 160 10.41 14.41 0.55
N ALA A 161 10.33 14.29 1.87
CA ALA A 161 11.46 13.72 2.62
C ALA A 161 11.70 12.27 2.23
N ALA A 162 10.62 11.52 1.99
CA ALA A 162 10.79 10.12 1.62
C ALA A 162 11.38 9.99 0.23
N MET A 163 10.92 10.80 -0.74
CA MET A 163 11.51 10.75 -2.08
C MET A 163 13.00 11.10 -2.04
N LYS A 164 13.37 12.09 -1.23
CA LYS A 164 14.79 12.45 -1.09
CA LYS A 164 14.78 12.44 -1.11
C LYS A 164 15.59 11.30 -0.49
N GLU A 165 15.00 10.61 0.48
CA GLU A 165 15.70 9.46 1.07
C GLU A 165 15.89 8.35 0.05
N VAL A 166 14.87 8.06 -0.75
CA VAL A 166 15.01 7.02 -1.77
C VAL A 166 16.11 7.39 -2.76
N MET A 167 16.10 8.66 -3.21
CA MET A 167 17.15 9.09 -4.12
C MET A 167 18.53 9.00 -3.48
N ARG A 168 18.62 9.24 -2.17
CA ARG A 168 19.93 9.13 -1.52
C ARG A 168 20.41 7.69 -1.46
N ILE A 169 19.53 6.75 -1.12
CA ILE A 169 19.97 5.37 -0.86
C ILE A 169 20.05 4.50 -2.10
N LEU A 170 19.55 4.97 -3.24
CA LEU A 170 19.74 4.26 -4.50
C LEU A 170 21.16 4.45 -5.02
N GLN A 171 21.72 3.38 -5.60
CA GLN A 171 22.91 3.50 -6.44
C GLN A 171 22.62 4.40 -7.65
N PRO A 172 23.66 5.00 -8.23
CA PRO A 172 23.51 5.59 -9.57
C PRO A 172 22.97 4.54 -10.52
N GLY A 173 21.97 4.93 -11.31
CA GLY A 173 21.32 3.96 -12.18
C GLY A 173 20.27 3.10 -11.50
N GLY A 174 20.06 3.26 -10.19
CA GLY A 174 19.07 2.45 -9.49
C GLY A 174 17.66 2.89 -9.81
N THR A 175 16.69 2.04 -9.46
CA THR A 175 15.30 2.20 -9.85
C THR A 175 14.39 2.30 -8.62
N LEU A 176 13.44 3.23 -8.63
CA LEU A 176 12.32 3.28 -7.70
C LEU A 176 11.03 2.89 -8.42
N THR A 177 10.27 1.97 -7.84
CA THR A 177 8.97 1.60 -8.41
C THR A 177 7.94 1.61 -7.29
N ILE A 178 6.81 2.28 -7.53
CA ILE A 178 5.77 2.42 -6.50
C ILE A 178 4.39 2.12 -7.08
N SER A 179 3.46 1.87 -6.17
CA SER A 179 2.04 1.80 -6.49
C SER A 179 1.27 2.61 -5.47
N THR A 180 0.21 3.26 -5.92
CA THR A 180 -0.67 4.02 -5.03
C THR A 180 -2.11 3.83 -5.48
N TRP A 181 -3.03 3.86 -4.52
CA TRP A 181 -4.42 3.59 -4.83
C TRP A 181 -5.03 4.73 -5.63
N GLN A 182 -5.82 4.37 -6.65
CA GLN A 182 -6.71 5.31 -7.31
C GLN A 182 -8.16 5.16 -6.89
N ARG A 183 -8.64 3.92 -6.75
CA ARG A 183 -10.03 3.65 -6.37
CA ARG A 183 -10.02 3.67 -6.34
C ARG A 183 -10.10 2.33 -5.65
N THR A 184 -10.50 2.35 -4.39
N THR A 184 -10.69 2.31 -4.44
CA THR A 184 -10.87 1.13 -3.70
CA THR A 184 -10.82 1.12 -3.58
C THR A 184 -12.39 1.06 -3.71
C THR A 184 -12.23 1.01 -2.99
N GLU A 185 -12.92 -0.09 -3.30
CA GLU A 185 -14.37 -0.19 -3.18
C GLU A 185 -14.88 -0.68 -1.83
N TRP A 186 -14.01 -0.87 -0.83
CA TRP A 186 -14.51 -1.14 0.50
C TRP A 186 -15.31 0.06 1.03
N LEU A 187 -14.97 1.27 0.59
CA LEU A 187 -15.63 2.46 1.12
C LEU A 187 -17.10 2.50 0.72
N ALA A 188 -17.43 2.01 -0.48
CA ALA A 188 -18.80 2.02 -0.95
C ALA A 188 -19.70 1.14 -0.08
N VAL A 189 -19.13 0.11 0.55
CA VAL A 189 -19.92 -0.73 1.43
C VAL A 189 -20.25 -0.01 2.73
N VAL A 190 -19.31 0.80 3.24
CA VAL A 190 -19.57 1.61 4.42
C VAL A 190 -20.57 2.71 4.09
N GLU A 191 -20.44 3.33 2.93
CA GLU A 191 -21.43 4.32 2.50
C GLU A 191 -22.84 3.72 2.51
N ALA A 192 -22.99 2.50 1.97
CA ALA A 192 -24.28 1.83 1.97
C ALA A 192 -24.80 1.60 3.39
N ALA A 193 -23.90 1.34 4.33
CA ALA A 193 -24.29 1.15 5.72
C ALA A 193 -24.77 2.45 6.35
N VAL A 194 -24.05 3.55 6.12
CA VAL A 194 -24.46 4.83 6.66
C VAL A 194 -25.79 5.25 6.04
N ALA A 195 -26.03 4.87 4.79
CA ALA A 195 -27.28 5.24 4.11
C ALA A 195 -28.51 4.61 4.74
N ILE A 196 -28.37 3.49 5.46
CA ILE A 196 -29.52 2.91 6.17
C ILE A 196 -29.57 3.32 7.64
N ILE A 197 -28.72 4.24 8.08
CA ILE A 197 -29.00 4.98 9.31
C ILE A 197 -30.03 6.07 8.98
N PRO A 198 -31.17 6.13 9.69
CA PRO A 198 -32.25 7.06 9.29
C PRO A 198 -32.01 8.49 9.76
N ALA A 199 -30.93 9.09 9.27
CA ALA A 199 -30.61 10.48 9.50
C ALA A 199 -29.78 10.96 8.31
N ASP A 200 -29.85 12.25 8.03
CA ASP A 200 -29.17 12.83 6.87
C ASP A 200 -27.70 13.05 7.21
N LEU A 201 -26.89 11.99 7.02
CA LEU A 201 -25.52 12.05 7.49
C LEU A 201 -24.52 12.22 6.34
N PRO A 202 -23.49 13.04 6.53
CA PRO A 202 -22.46 13.18 5.49
C PRO A 202 -21.66 11.90 5.31
N PHE A 203 -21.16 11.70 4.09
CA PHE A 203 -20.23 10.59 3.90
C PHE A 203 -19.30 10.87 2.73
N PRO A 204 -17.99 10.66 2.89
CA PRO A 204 -17.06 11.06 1.83
C PRO A 204 -17.16 10.17 0.60
N THR A 205 -17.00 10.78 -0.57
CA THR A 205 -16.78 10.04 -1.81
C THR A 205 -15.40 9.39 -1.79
N THR A 206 -15.16 8.56 -2.80
CA THR A 206 -13.82 7.99 -3.03
C THR A 206 -12.79 9.10 -3.11
N LYS A 207 -13.07 10.12 -3.92
CA LYS A 207 -12.13 11.22 -4.10
C LYS A 207 -11.83 11.93 -2.78
N GLU A 208 -12.87 12.31 -2.03
CA GLU A 208 -12.64 13.04 -0.79
C GLU A 208 -11.82 12.22 0.19
N PHE A 209 -12.12 10.94 0.30
CA PHE A 209 -11.37 10.09 1.22
C PHE A 209 -9.92 9.96 0.78
N MET A 210 -9.68 9.79 -0.53
CA MET A 210 -8.32 9.70 -1.04
C MET A 210 -7.52 10.97 -0.76
N SER A 211 -8.19 12.12 -0.66
CA SER A 211 -7.50 13.41 -0.67
C SER A 211 -7.32 14.01 0.71
N CYS A 212 -7.65 13.27 1.78
CA CYS A 212 -7.51 13.84 3.11
CA CYS A 212 -7.51 13.82 3.12
C CYS A 212 -6.05 13.92 3.54
N MET A 213 -5.22 13.01 3.06
CA MET A 213 -3.79 13.04 3.28
C MET A 213 -3.13 12.73 1.95
N ASN A 214 -2.23 13.60 1.54
CA ASN A 214 -1.47 13.43 0.31
C ASN A 214 -2.37 13.22 -0.92
N PRO A 215 -3.19 14.20 -1.25
CA PRO A 215 -3.96 14.11 -2.49
C PRO A 215 -3.03 14.09 -3.69
N GLY A 216 -3.56 13.62 -4.81
CA GLY A 216 -2.86 13.65 -6.06
C GLY A 216 -2.22 12.34 -6.45
N TRP A 217 -1.89 11.49 -5.47
CA TRP A 217 -1.25 10.23 -5.84
C TRP A 217 -2.21 9.26 -6.50
N ASP A 218 -3.49 9.62 -6.61
CA ASP A 218 -4.43 8.86 -7.43
C ASP A 218 -4.42 9.30 -8.89
N SER A 219 -3.53 10.21 -9.27
CA SER A 219 -3.48 10.76 -10.62
C SER A 219 -2.15 10.40 -11.28
N GLU A 220 -2.22 9.86 -12.51
CA GLU A 220 -0.99 9.51 -13.21
C GLU A 220 -0.11 10.72 -13.44
N ASP A 221 -0.69 11.85 -13.86
CA ASP A 221 0.15 12.99 -14.20
CA ASP A 221 0.15 12.99 -14.20
C ASP A 221 0.81 13.59 -12.96
N TYR A 222 0.10 13.62 -11.83
CA TYR A 222 0.70 14.09 -10.59
C TYR A 222 1.87 13.20 -10.20
N VAL A 223 1.66 11.89 -10.18
CA VAL A 223 2.75 10.98 -9.78
C VAL A 223 3.92 11.10 -10.73
N HIS A 224 3.65 11.14 -12.05
CA HIS A 224 4.72 11.33 -13.01
C HIS A 224 5.53 12.57 -12.66
N SER A 225 4.84 13.69 -12.39
CA SER A 225 5.53 14.93 -12.10
C SER A 225 6.33 14.85 -10.81
N ARG A 226 5.80 14.12 -9.80
CA ARG A 226 6.54 13.97 -8.56
C ARG A 226 7.87 13.23 -8.79
N PHE A 227 7.87 12.20 -9.62
CA PHE A 227 9.10 11.49 -9.94
C PHE A 227 10.10 12.42 -10.61
N GLU A 228 9.65 13.23 -11.58
CA GLU A 228 10.58 14.13 -12.25
C GLU A 228 11.10 15.20 -11.30
N GLU A 229 10.22 15.76 -10.47
CA GLU A 229 10.62 16.80 -9.54
C GLU A 229 11.67 16.30 -8.55
N ALA A 230 11.58 15.03 -8.17
CA ALA A 230 12.52 14.43 -7.23
C ALA A 230 13.87 14.09 -7.88
N GLY A 231 13.95 14.14 -9.21
CA GLY A 231 15.21 13.86 -9.89
C GLY A 231 15.28 12.58 -10.67
N PHE A 232 14.19 11.83 -10.78
CA PHE A 232 14.20 10.59 -11.53
C PHE A 232 14.07 10.83 -13.03
N HIS A 233 14.68 9.92 -13.80
CA HIS A 233 14.64 9.93 -15.25
C HIS A 233 13.92 8.70 -15.78
N SER A 234 13.59 8.75 -17.06
CA SER A 234 12.91 7.65 -17.76
C SER A 234 11.68 7.20 -17.00
N VAL A 235 10.91 8.18 -16.54
CA VAL A 235 9.72 7.93 -15.73
C VAL A 235 8.64 7.28 -16.59
N GLN A 236 8.04 6.21 -16.07
CA GLN A 236 6.87 5.58 -16.67
C GLN A 236 5.79 5.45 -15.63
N VAL A 237 4.55 5.81 -16.01
CA VAL A 237 3.39 5.66 -15.14
C VAL A 237 2.29 4.95 -15.91
N THR A 238 1.53 4.11 -15.21
CA THR A 238 0.37 3.43 -15.77
C THR A 238 -0.65 3.20 -14.65
N THR A 239 -1.79 2.65 -15.02
CA THR A 239 -2.92 2.42 -14.12
C THR A 239 -3.46 1.01 -14.37
N ILE A 240 -3.67 0.25 -13.30
CA ILE A 240 -4.03 -1.16 -13.45
C ILE A 240 -5.14 -1.52 -12.46
N SER A 241 -6.15 -2.24 -12.94
CA SER A 241 -7.25 -2.72 -12.14
C SER A 241 -7.14 -4.23 -11.93
N LYS A 242 -7.62 -4.69 -10.77
CA LYS A 242 -7.79 -6.11 -10.50
C LYS A 242 -9.21 -6.37 -10.03
N GLN A 243 -9.75 -7.52 -10.42
CA GLN A 243 -11.11 -7.93 -10.06
C GLN A 243 -11.04 -9.18 -9.21
N PHE A 244 -11.70 -9.15 -8.05
CA PHE A 244 -11.61 -10.23 -7.09
C PHE A 244 -12.87 -10.21 -6.23
N GLU A 245 -12.92 -11.09 -5.23
CA GLU A 245 -14.04 -11.16 -4.31
C GLU A 245 -13.53 -11.12 -2.89
N THR A 246 -14.25 -10.43 -2.02
CA THR A 246 -13.86 -10.28 -0.63
C THR A 246 -15.03 -10.72 0.25
N SER A 247 -14.71 -11.48 1.31
CA SER A 247 -15.74 -11.94 2.21
C SER A 247 -16.33 -10.79 3.00
N VAL A 248 -17.59 -10.93 3.42
CA VAL A 248 -18.22 -9.91 4.25
C VAL A 248 -17.45 -9.75 5.55
N GLU A 249 -16.91 -10.86 6.07
CA GLU A 249 -16.13 -10.78 7.30
C GLU A 249 -14.89 -9.91 7.11
N ASP A 250 -14.22 -10.06 5.96
CA ASP A 250 -13.03 -9.26 5.68
C ASP A 250 -13.35 -7.79 5.42
N LEU A 251 -14.44 -7.52 4.70
CA LEU A 251 -14.87 -6.14 4.50
C LEU A 251 -15.17 -5.45 5.82
N TYR A 252 -15.80 -6.16 6.76
CA TYR A 252 -16.11 -5.57 8.06
C TYR A 252 -14.83 -5.23 8.82
N LYS A 253 -13.81 -6.10 8.73
CA LYS A 253 -12.56 -5.85 9.44
C LYS A 253 -11.75 -4.73 8.81
N ILE A 254 -11.81 -4.59 7.48
CA ILE A 254 -11.16 -3.46 6.81
C ILE A 254 -11.79 -2.14 7.28
N ALA A 255 -13.12 -2.10 7.32
CA ALA A 255 -13.79 -0.84 7.65
C ALA A 255 -13.62 -0.46 9.11
N GLN A 256 -13.53 -1.44 10.02
CA GLN A 256 -13.62 -1.19 11.45
C GLN A 256 -12.67 -0.11 11.95
N PRO A 257 -11.36 -0.16 11.67
CA PRO A 257 -10.46 0.90 12.19
C PRO A 257 -10.61 2.23 11.51
N VAL A 258 -11.25 2.29 10.34
CA VAL A 258 -11.34 3.55 9.62
C VAL A 258 -12.59 4.34 9.98
N ILE A 259 -13.60 3.70 10.56
CA ILE A 259 -14.84 4.41 10.92
C ILE A 259 -14.56 5.62 11.81
N PRO A 260 -13.78 5.51 12.91
CA PRO A 260 -13.55 6.70 13.74
C PRO A 260 -12.90 7.85 12.99
N ILE A 261 -12.00 7.55 12.06
CA ILE A 261 -11.37 8.60 11.27
C ILE A 261 -12.42 9.27 10.40
N ILE A 262 -13.27 8.49 9.75
CA ILE A 262 -14.27 9.05 8.85
C ILE A 262 -15.18 10.03 9.58
N VAL A 263 -15.71 9.64 10.75
CA VAL A 263 -16.63 10.54 11.44
C VAL A 263 -15.90 11.69 12.12
N SER A 264 -14.60 11.53 12.43
CA SER A 264 -13.86 12.66 12.95
CA SER A 264 -13.83 12.66 12.95
C SER A 264 -13.68 13.74 11.89
N LYS A 265 -13.40 13.34 10.64
CA LYS A 265 -13.16 14.31 9.59
C LYS A 265 -14.44 14.90 9.02
N TRP A 266 -15.50 14.11 8.87
CA TRP A 266 -16.66 14.58 8.10
C TRP A 266 -17.95 14.73 8.87
N TRP A 267 -18.02 14.41 10.16
CA TRP A 267 -19.21 14.65 10.95
C TRP A 267 -18.94 15.74 11.98
N ASN A 268 -20.01 16.34 12.48
CA ASN A 268 -19.92 17.24 13.63
C ASN A 268 -20.20 16.47 14.91
N GLN A 269 -20.03 17.16 16.06
CA GLN A 269 -20.04 16.44 17.33
C GLN A 269 -21.42 15.91 17.66
N GLU A 270 -22.46 16.69 17.35
CA GLU A 270 -23.82 16.22 17.53
C GLU A 270 -24.06 14.92 16.75
N GLN A 271 -23.58 14.87 15.50
CA GLN A 271 -23.76 13.69 14.66
C GLN A 271 -22.99 12.49 15.22
N ARG A 272 -21.76 12.70 15.69
CA ARG A 272 -21.01 11.61 16.31
C ARG A 272 -21.70 11.13 17.58
N ASP A 273 -22.20 12.06 18.39
CA ASP A 273 -22.83 11.69 19.65
C ASP A 273 -24.02 10.77 19.42
N LYS A 274 -24.85 11.10 18.43
CA LYS A 274 -26.08 10.37 18.19
C LYS A 274 -25.86 9.07 17.42
N TYR A 275 -24.92 9.06 16.46
CA TYR A 275 -24.93 8.02 15.44
C TYR A 275 -23.61 7.28 15.25
N GLU A 276 -22.50 7.72 15.85
CA GLU A 276 -21.22 7.07 15.56
C GLU A 276 -21.27 5.58 15.84
N ASN A 277 -21.94 5.19 16.93
CA ASN A 277 -21.99 3.78 17.29
C ASN A 277 -23.04 3.00 16.49
N ASP A 278 -23.79 3.65 15.62
CA ASP A 278 -24.74 2.97 14.75
C ASP A 278 -24.11 2.45 13.45
N ILE A 279 -22.91 2.90 13.11
CA ILE A 279 -22.34 2.59 11.79
C ILE A 279 -22.00 1.11 11.68
N LEU A 280 -21.24 0.59 12.63
CA LEU A 280 -20.86 -0.82 12.51
C LEU A 280 -22.06 -1.75 12.60
N PRO A 281 -23.04 -1.54 13.48
CA PRO A 281 -24.27 -2.36 13.39
C PRO A 281 -24.95 -2.25 12.05
N ALA A 282 -25.03 -1.05 11.47
CA ALA A 282 -25.64 -0.91 10.15
C ALA A 282 -24.84 -1.66 9.10
N LEU A 283 -23.50 -1.69 9.24
CA LEU A 283 -22.67 -2.40 8.26
C LEU A 283 -22.85 -3.91 8.39
N GLN A 284 -22.87 -4.43 9.62
CA GLN A 284 -23.26 -5.82 9.87
C GLN A 284 -24.58 -6.16 9.17
N ARG A 285 -25.61 -5.34 9.40
CA ARG A 285 -26.93 -5.61 8.83
CA ARG A 285 -26.92 -5.64 8.82
C ARG A 285 -26.89 -5.56 7.30
N HIS A 286 -26.27 -4.50 6.75
CA HIS A 286 -26.18 -4.38 5.30
C HIS A 286 -25.49 -5.58 4.68
N LEU A 287 -24.34 -5.97 5.24
CA LEU A 287 -23.59 -7.07 4.65
C LEU A 287 -24.38 -8.37 4.73
N ASN A 288 -24.95 -8.66 5.90
CA ASN A 288 -25.67 -9.92 6.09
C ASN A 288 -26.91 -9.99 5.18
N GLU A 289 -27.70 -8.91 5.13
CA GLU A 289 -28.94 -8.98 4.37
C GLU A 289 -28.67 -8.95 2.87
N THR A 290 -27.59 -8.30 2.44
CA THR A 290 -27.30 -8.20 1.01
C THR A 290 -26.52 -9.41 0.47
N TYR A 291 -25.55 -9.92 1.23
CA TYR A 291 -24.67 -10.97 0.73
C TYR A 291 -24.72 -12.25 1.54
N GLY A 292 -25.25 -12.23 2.76
CA GLY A 292 -25.26 -13.40 3.61
C GLY A 292 -24.03 -13.49 4.50
N GLU A 293 -24.15 -14.33 5.53
CA GLU A 293 -23.16 -14.36 6.61
C GLU A 293 -21.76 -14.73 6.10
N ASN A 294 -21.69 -15.54 5.04
CA ASN A 294 -20.40 -15.91 4.45
C ASN A 294 -20.31 -15.49 2.99
N GLY A 295 -21.05 -14.45 2.61
CA GLY A 295 -21.07 -14.05 1.23
C GLY A 295 -19.74 -13.51 0.74
N LEU A 296 -19.58 -13.53 -0.57
CA LEU A 296 -18.41 -13.02 -1.26
C LEU A 296 -18.83 -11.80 -2.06
N VAL A 297 -18.21 -10.65 -1.79
CA VAL A 297 -18.61 -9.38 -2.38
C VAL A 297 -17.68 -9.08 -3.56
N PRO A 298 -18.20 -8.94 -4.78
CA PRO A 298 -17.35 -8.62 -5.92
C PRO A 298 -16.66 -7.28 -5.72
N GLN A 299 -15.41 -7.19 -6.19
CA GLN A 299 -14.58 -6.02 -5.98
C GLN A 299 -13.75 -5.73 -7.22
N GLU A 300 -13.55 -4.44 -7.51
CA GLU A 300 -12.60 -4.00 -8.52
C GLU A 300 -11.85 -2.80 -7.96
N TRP A 301 -10.55 -2.98 -7.69
CA TRP A 301 -9.74 -1.90 -7.14
C TRP A 301 -8.66 -1.54 -8.14
N THR A 302 -8.34 -0.26 -8.21
CA THR A 302 -7.45 0.30 -9.22
C THR A 302 -6.32 1.07 -8.55
N ALA A 303 -5.08 0.86 -9.03
CA ALA A 303 -3.89 1.52 -8.51
C ALA A 303 -3.09 2.15 -9.64
N VAL A 304 -2.43 3.26 -9.31
CA VAL A 304 -1.45 3.90 -10.20
C VAL A 304 -0.10 3.26 -9.92
N PHE A 305 0.65 2.90 -10.98
CA PHE A 305 1.99 2.34 -10.88
C PHE A 305 2.99 3.29 -11.54
N ALA A 306 4.14 3.49 -10.91
CA ALA A 306 5.12 4.42 -11.48
C ALA A 306 6.53 3.90 -11.23
N THR A 307 7.44 4.18 -12.16
CA THR A 307 8.84 3.81 -12.02
C THR A 307 9.71 4.92 -12.59
N GLY A 308 10.92 5.03 -12.07
CA GLY A 308 11.91 5.98 -12.55
C GLY A 308 13.31 5.59 -12.10
N GLN A 309 14.31 6.20 -12.74
CA GLN A 309 15.70 5.79 -12.57
C GLN A 309 16.54 6.96 -12.07
N LYS A 310 17.42 6.67 -11.12
CA LYS A 310 18.39 7.67 -10.67
C LYS A 310 19.50 7.82 -11.71
N GLY A 311 20.00 9.04 -11.85
CA GLY A 311 21.02 9.31 -12.86
C GLY A 311 22.33 8.58 -12.59
N SER A 312 23.02 8.25 -13.68
CA SER A 312 24.28 7.50 -13.59
C SER A 312 25.44 8.41 -13.19
#